data_6O69
#
_entry.id   6O69
#
_cell.length_a   115.783
_cell.length_b   115.783
_cell.length_c   191.859
_cell.angle_alpha   90.00
_cell.angle_beta   90.00
_cell.angle_gamma   120.00
#
_symmetry.space_group_name_H-M   'P 65 2 2'
#
loop_
_entity.id
_entity.type
_entity.pdbx_description
1 polymer Acetylcholinesterase
2 branched 2-acetamido-2-deoxy-beta-D-glucopyranose-(1-4)-[alpha-L-fucopyranose-(1-6)]2-acetamido-2-deoxy-beta-D-glucopyranose
3 water water
#
_entity_poly.entity_id   1
_entity_poly.type   'polypeptide(L)'
_entity_poly.pdbx_seq_one_letter_code
;GREDAELLVTVRGGRLRGIRLKTPGGPVSAFLGIPFAEPPMGPRRFLPPEPKQPWSGVVDATTFQSVCYQYVDTLYPGFE
GTEMWNPNRELSEDCLYLNVWTPYPRPTSPTPVLVWIYGGGFYSGASSLDVYDGRFLVQAERTVLVSMNYRVGAFGFLAL
PGSREAPGNVGLLDQRLALQWVQENVAAFGGDPTSVTLFGESAGAASVGMHLLSPPSRGLFHRAVLQSGAPNGPWATVGM
GEARRRATQLAHLVGCPPGGTGGNDTELVACLRTRPAQVLVNHEWHVLPQESVFRFSFVPVVDGDFLSDTPEALINAGDF
HGLQVLVGVVKDEGSYFLVYGAPGFSKDNESLISRAEFLAGVRVGVPQVSDLAAEAVVRHYTDWLHPEDPARLREALSDV
VGDHNVVCPVAQLAGRLAAQGARVYAYVFEHRASTLSWPLWMGVPHGYEIEFIFGIPLDPSRNYTAEEKIFAQRLMRYWA
NFARTGDPNEPRDPKAPQWPPYTAGAQQYVSLDLRPLEVRRGLRAQACAFWNRKLPKLLSAT
;
_entity_poly.pdbx_strand_id   A
#
loop_
_chem_comp.id
_chem_comp.type
_chem_comp.name
_chem_comp.formula
FUC L-saccharide, alpha linking alpha-L-fucopyranose 'C6 H12 O5'
NAG D-saccharide, beta linking 2-acetamido-2-deoxy-beta-D-glucopyranose 'C8 H15 N O6'
#
# COMPACT_ATOMS: atom_id res chain seq x y z
N ASP A 4 -21.86 27.03 7.63
CA ASP A 4 -21.87 26.62 6.23
C ASP A 4 -22.72 25.37 6.04
N ALA A 5 -23.66 25.44 5.08
CA ALA A 5 -24.57 24.34 4.85
C ALA A 5 -23.84 23.10 4.33
N GLU A 6 -22.82 23.31 3.50
CA GLU A 6 -22.13 22.16 2.91
C GLU A 6 -21.31 21.38 3.94
N LEU A 7 -21.14 21.89 5.18
CA LEU A 7 -20.41 21.16 6.20
C LEU A 7 -21.31 20.26 7.05
N LEU A 8 -22.61 20.20 6.78
CA LEU A 8 -23.53 19.30 7.48
C LEU A 8 -23.98 18.22 6.50
N VAL A 9 -23.79 16.97 6.87
CA VAL A 9 -24.14 15.84 6.04
C VAL A 9 -24.74 14.80 6.94
N THR A 10 -25.83 14.18 6.50
CA THR A 10 -26.42 13.06 7.19
C THR A 10 -26.05 11.78 6.44
N VAL A 11 -25.46 10.83 7.15
CA VAL A 11 -25.20 9.52 6.58
C VAL A 11 -26.18 8.57 7.26
N ARG A 12 -26.08 7.28 6.93
CA ARG A 12 -27.04 6.32 7.45
C ARG A 12 -27.00 6.23 8.98
N GLY A 13 -25.83 6.44 9.61
CA GLY A 13 -25.80 6.37 11.05
C GLY A 13 -26.21 7.62 11.81
N GLY A 14 -26.33 8.76 11.13
CA GLY A 14 -26.68 10.00 11.79
C GLY A 14 -25.96 11.17 11.14
N ARG A 15 -25.97 12.30 11.84
CA ARG A 15 -25.47 13.55 11.30
C ARG A 15 -23.96 13.71 11.56
N LEU A 16 -23.32 14.42 10.65
CA LEU A 16 -21.90 14.72 10.68
C LEU A 16 -21.72 16.22 10.49
N ARG A 17 -20.68 16.78 11.12
CA ARG A 17 -20.25 18.15 10.84
C ARG A 17 -18.78 18.12 10.43
N GLY A 18 -18.50 18.59 9.21
CA GLY A 18 -17.17 18.57 8.67
C GLY A 18 -16.48 19.91 8.83
N ILE A 19 -15.38 20.07 8.09
CA ILE A 19 -14.53 21.25 8.20
C ILE A 19 -14.12 21.71 6.81
N ARG A 20 -14.14 23.02 6.60
CA ARG A 20 -13.66 23.59 5.34
C ARG A 20 -12.13 23.63 5.37
N LEU A 21 -11.50 23.10 4.37
CA LEU A 21 -10.05 23.10 4.26
C LEU A 21 -9.59 23.95 3.10
N LYS A 22 -8.55 24.70 3.30
CA LYS A 22 -8.04 25.54 2.25
C LYS A 22 -6.95 24.98 1.39
N THR A 23 -6.98 25.40 0.16
CA THR A 23 -5.92 25.15 -0.82
C THR A 23 -5.71 26.44 -1.61
N PRO A 24 -4.56 26.58 -2.29
CA PRO A 24 -4.37 27.79 -3.09
C PRO A 24 -5.37 27.94 -4.20
N GLY A 25 -5.94 26.84 -4.71
CA GLY A 25 -6.92 26.96 -5.76
C GLY A 25 -8.36 27.24 -5.34
N GLY A 26 -8.72 27.11 -4.07
CA GLY A 26 -10.12 26.99 -3.72
C GLY A 26 -10.34 26.06 -2.54
N PRO A 27 -11.42 26.23 -1.80
CA PRO A 27 -11.64 25.40 -0.62
C PRO A 27 -12.15 24.00 -0.97
N VAL A 28 -12.03 23.10 0.00
CA VAL A 28 -12.58 21.76 -0.10
C VAL A 28 -13.36 21.52 1.19
N SER A 29 -14.29 20.57 1.15
CA SER A 29 -15.03 20.18 2.35
C SER A 29 -14.53 18.82 2.82
N ALA A 30 -14.19 18.69 4.10
CA ALA A 30 -13.62 17.44 4.61
C ALA A 30 -14.39 16.93 5.82
N PHE A 31 -14.59 15.62 5.87
CA PHE A 31 -15.26 14.94 6.97
C PHE A 31 -14.31 13.89 7.52
N LEU A 32 -13.63 14.22 8.61
CA LEU A 32 -12.50 13.45 9.11
C LEU A 32 -12.93 12.67 10.34
N GLY A 33 -12.50 11.42 10.43
CA GLY A 33 -12.73 10.66 11.63
C GLY A 33 -14.17 10.17 11.75
N ILE A 34 -14.77 9.73 10.67
CA ILE A 34 -16.12 9.18 10.70
C ILE A 34 -16.09 7.73 11.16
N PRO A 35 -16.77 7.37 12.23
CA PRO A 35 -16.72 5.98 12.71
C PRO A 35 -17.44 5.08 11.73
N PHE A 36 -16.76 4.03 11.24
CA PHE A 36 -17.44 3.10 10.35
C PHE A 36 -17.63 1.71 10.96
N ALA A 37 -17.04 1.42 12.12
CA ALA A 37 -17.20 0.12 12.75
C ALA A 37 -17.33 0.31 14.25
N GLU A 38 -17.85 -0.70 14.94
CA GLU A 38 -17.75 -0.70 16.41
C GLU A 38 -16.29 -0.85 16.82
N PRO A 39 -15.84 -0.15 17.86
CA PRO A 39 -14.44 -0.27 18.30
C PRO A 39 -14.05 -1.72 18.55
N PRO A 40 -13.05 -2.21 17.82
CA PRO A 40 -12.69 -3.64 17.91
C PRO A 40 -11.79 -3.88 19.11
N MET A 41 -12.37 -3.75 20.31
CA MET A 41 -11.62 -3.74 21.56
C MET A 41 -12.08 -4.86 22.51
N GLY A 42 -11.21 -5.15 23.49
CA GLY A 42 -11.47 -6.15 24.49
C GLY A 42 -11.81 -7.49 23.88
N PRO A 43 -13.06 -7.92 24.06
CA PRO A 43 -13.50 -9.20 23.48
C PRO A 43 -13.54 -9.19 21.96
N ARG A 44 -13.52 -8.03 21.30
CA ARG A 44 -13.55 -8.00 19.84
C ARG A 44 -12.15 -7.89 19.22
N ARG A 45 -11.10 -7.86 20.04
CA ARG A 45 -9.74 -7.97 19.52
C ARG A 45 -9.59 -9.25 18.72
N PHE A 46 -9.00 -9.15 17.52
CA PHE A 46 -8.73 -10.24 16.58
C PHE A 46 -9.97 -10.68 15.81
N LEU A 47 -11.20 -10.05 16.09
CA LEU A 47 -12.44 -10.50 15.44
C LEU A 47 -12.78 -9.59 14.25
N PRO A 48 -13.54 -10.12 13.28
CA PRO A 48 -13.99 -9.27 12.17
C PRO A 48 -14.73 -8.04 12.68
N PRO A 49 -14.69 -6.94 11.94
CA PRO A 49 -15.33 -5.71 12.42
C PRO A 49 -16.84 -5.80 12.33
N GLU A 50 -17.52 -5.13 13.24
CA GLU A 50 -18.97 -5.02 13.15
C GLU A 50 -19.39 -3.59 12.76
N PRO A 51 -20.45 -3.43 11.96
CA PRO A 51 -20.88 -2.08 11.54
C PRO A 51 -21.08 -1.16 12.73
N LYS A 52 -20.78 0.13 12.52
CA LYS A 52 -21.03 1.15 13.54
C LYS A 52 -22.53 1.33 13.76
N GLN A 53 -22.95 1.40 15.03
CA GLN A 53 -24.35 1.63 15.36
C GLN A 53 -24.72 3.10 15.19
N PRO A 54 -25.96 3.40 14.80
CA PRO A 54 -26.36 4.79 14.64
C PRO A 54 -26.20 5.59 15.93
N TRP A 55 -26.11 6.90 15.76
CA TRP A 55 -25.87 7.80 16.88
C TRP A 55 -26.89 8.93 16.85
N SER A 56 -27.16 9.49 18.03
CA SER A 56 -28.01 10.66 18.16
C SER A 56 -27.16 11.93 18.09
N GLY A 57 -27.80 13.03 17.71
CA GLY A 57 -27.03 14.27 17.64
C GLY A 57 -25.98 14.21 16.52
N VAL A 58 -24.89 14.95 16.71
CA VAL A 58 -23.95 15.21 15.62
C VAL A 58 -22.57 14.67 16.01
N VAL A 59 -21.97 13.88 15.12
CA VAL A 59 -20.56 13.51 15.24
C VAL A 59 -19.74 14.65 14.65
N ASP A 60 -18.92 15.29 15.48
CA ASP A 60 -17.93 16.23 14.98
C ASP A 60 -16.95 15.49 14.09
N ALA A 61 -16.79 15.96 12.85
CA ALA A 61 -15.93 15.25 11.92
C ALA A 61 -14.88 16.23 11.40
N THR A 62 -14.21 16.92 12.32
CA THR A 62 -13.28 17.98 11.94
C THR A 62 -11.83 17.64 12.24
N THR A 63 -11.54 16.46 12.81
CA THR A 63 -10.20 16.07 13.20
C THR A 63 -9.92 14.62 12.80
N PHE A 64 -8.69 14.34 12.40
CA PHE A 64 -8.28 12.94 12.26
C PHE A 64 -8.41 12.20 13.59
N GLN A 65 -8.83 10.94 13.50
CA GLN A 65 -9.01 10.09 14.67
C GLN A 65 -7.74 9.27 14.94
N SER A 66 -7.78 8.45 16.00
CA SER A 66 -6.58 7.73 16.44
C SER A 66 -6.03 6.78 15.36
N VAL A 67 -4.71 6.57 15.40
CA VAL A 67 -4.01 5.59 14.57
C VAL A 67 -4.16 4.18 15.18
N CYS A 68 -4.23 3.16 14.33
CA CYS A 68 -4.35 1.79 14.82
C CYS A 68 -3.08 1.45 15.60
N TYR A 69 -3.17 0.63 16.63
CA TYR A 69 -2.01 0.33 17.41
C TYR A 69 -0.99 -0.30 16.54
N GLN A 70 0.23 0.19 16.56
CA GLN A 70 1.27 -0.32 15.73
C GLN A 70 2.65 0.02 16.24
N TYR A 71 3.64 -0.69 15.74
CA TYR A 71 5.04 -0.38 16.02
C TYR A 71 5.39 1.01 15.51
N VAL A 72 6.23 1.73 16.29
CA VAL A 72 6.72 3.05 15.94
C VAL A 72 8.19 2.90 15.55
N ASP A 73 8.58 3.38 14.38
CA ASP A 73 9.96 3.25 13.93
C ASP A 73 10.89 4.18 14.75
N THR A 74 12.00 3.65 15.24
CA THR A 74 12.98 4.48 15.94
C THR A 74 14.38 4.34 15.35
N LEU A 75 14.48 3.87 14.11
CA LEU A 75 15.78 3.74 13.48
C LEU A 75 16.57 5.04 13.51
N TYR A 76 15.94 6.15 13.12
CA TYR A 76 16.58 7.46 13.11
C TYR A 76 15.64 8.47 13.78
N PRO A 77 15.62 8.51 15.12
CA PRO A 77 14.65 9.37 15.82
C PRO A 77 14.77 10.82 15.38
N GLY A 78 13.63 11.39 14.99
CA GLY A 78 13.57 12.77 14.53
C GLY A 78 13.88 12.99 13.07
N PHE A 79 14.31 11.98 12.35
CA PHE A 79 14.66 12.17 10.95
C PHE A 79 13.39 12.22 10.08
N GLU A 80 13.30 13.22 9.21
CA GLU A 80 12.07 13.45 8.45
C GLU A 80 11.69 12.25 7.59
N GLY A 81 12.69 11.57 6.99
CA GLY A 81 12.38 10.48 6.07
C GLY A 81 11.70 9.28 6.70
N THR A 82 11.94 9.04 7.99
CA THR A 82 11.24 7.97 8.70
C THR A 82 10.03 8.49 9.48
N GLU A 83 10.15 9.67 10.11
CA GLU A 83 9.06 10.23 10.91
C GLU A 83 7.84 10.53 10.06
N MET A 84 8.03 10.89 8.78
CA MET A 84 6.89 11.16 7.91
C MET A 84 5.98 9.93 7.74
N TRP A 85 6.47 8.73 8.08
CA TRP A 85 5.63 7.53 8.05
C TRP A 85 5.12 7.11 9.43
N ASN A 86 5.64 7.68 10.51
CA ASN A 86 5.24 7.26 11.85
C ASN A 86 3.88 7.82 12.24
N PRO A 87 3.21 7.18 13.21
CA PRO A 87 1.93 7.72 13.70
C PRO A 87 2.01 9.19 14.07
N ASN A 88 1.02 9.96 13.65
CA ASN A 88 0.97 11.38 13.98
C ASN A 88 -0.27 11.74 14.77
N ARG A 89 -0.93 10.75 15.38
CA ARG A 89 -2.01 10.88 16.37
C ARG A 89 -1.76 9.79 17.42
N GLU A 90 -2.48 9.82 18.52
CA GLU A 90 -2.35 8.79 19.52
C GLU A 90 -2.77 7.43 18.99
N LEU A 91 -2.15 6.38 19.49
CA LEU A 91 -2.49 5.02 19.14
C LEU A 91 -3.70 4.54 19.93
N SER A 92 -4.54 3.74 19.29
CA SER A 92 -5.65 3.14 20.01
C SER A 92 -6.16 1.94 19.23
N GLU A 93 -6.71 0.99 19.96
CA GLU A 93 -7.48 -0.06 19.31
C GLU A 93 -8.81 0.48 18.81
N ASP A 94 -9.26 1.60 19.38
CA ASP A 94 -10.44 2.29 18.89
C ASP A 94 -10.00 3.18 17.72
N CYS A 95 -9.89 2.57 16.53
CA CYS A 95 -9.25 3.30 15.45
C CYS A 95 -9.93 3.13 14.09
N LEU A 96 -11.09 2.46 14.02
CA LEU A 96 -11.78 2.21 12.74
C LEU A 96 -12.66 3.42 12.36
N TYR A 97 -12.00 4.41 11.75
CA TYR A 97 -12.63 5.64 11.31
C TYR A 97 -12.22 5.88 9.86
N LEU A 98 -13.05 6.59 9.10
CA LEU A 98 -12.65 6.92 7.75
C LEU A 98 -12.86 8.42 7.51
N ASN A 99 -12.33 8.89 6.39
CA ASN A 99 -12.31 10.30 6.02
C ASN A 99 -12.88 10.49 4.62
N VAL A 100 -13.58 11.60 4.42
CA VAL A 100 -14.13 11.95 3.11
C VAL A 100 -13.74 13.37 2.78
N TRP A 101 -13.15 13.58 1.61
CA TRP A 101 -12.91 14.91 1.08
C TRP A 101 -13.81 15.05 -0.14
N THR A 102 -14.50 16.18 -0.23
CA THR A 102 -15.41 16.39 -1.33
C THR A 102 -15.29 17.82 -1.83
N PRO A 103 -15.45 18.05 -3.13
CA PRO A 103 -15.30 19.41 -3.67
C PRO A 103 -16.25 20.41 -3.00
N TYR A 104 -15.86 21.67 -3.02
CA TYR A 104 -16.71 22.78 -2.63
C TYR A 104 -16.93 23.69 -3.83
N PRO A 105 -18.19 23.94 -4.26
CA PRO A 105 -19.41 23.34 -3.71
C PRO A 105 -19.57 21.84 -4.01
N ARG A 106 -20.40 21.18 -3.21
CA ARG A 106 -20.57 19.74 -3.34
C ARG A 106 -21.15 19.38 -4.71
N PRO A 107 -20.68 18.31 -5.35
CA PRO A 107 -21.13 17.99 -6.70
C PRO A 107 -22.64 17.78 -6.77
N THR A 108 -23.28 18.41 -7.77
CA THR A 108 -24.72 18.23 -7.99
C THR A 108 -25.03 17.05 -8.88
N SER A 109 -24.04 16.59 -9.63
CA SER A 109 -24.06 15.31 -10.31
C SER A 109 -22.98 14.41 -9.71
N PRO A 110 -23.29 13.16 -9.40
CA PRO A 110 -22.34 12.32 -8.63
C PRO A 110 -21.02 12.11 -9.36
N THR A 111 -19.93 12.38 -8.65
CA THR A 111 -18.58 12.36 -9.20
C THR A 111 -17.85 11.07 -8.84
N PRO A 112 -16.90 10.61 -9.66
CA PRO A 112 -16.15 9.40 -9.32
C PRO A 112 -15.45 9.52 -7.97
N VAL A 113 -15.27 8.37 -7.32
CA VAL A 113 -14.72 8.23 -5.97
C VAL A 113 -13.38 7.49 -6.05
N LEU A 114 -12.34 8.10 -5.48
CA LEU A 114 -11.06 7.44 -5.23
C LEU A 114 -11.00 7.02 -3.77
N VAL A 115 -10.68 5.74 -3.52
CA VAL A 115 -10.58 5.20 -2.17
C VAL A 115 -9.11 4.81 -1.93
N TRP A 116 -8.44 5.53 -1.04
CA TRP A 116 -7.04 5.29 -0.69
C TRP A 116 -6.89 4.25 0.42
N ILE A 117 -6.01 3.27 0.19
CA ILE A 117 -5.59 2.29 1.19
C ILE A 117 -4.09 2.49 1.43
N TYR A 118 -3.72 2.95 2.62
CA TYR A 118 -2.30 3.21 2.90
C TYR A 118 -1.52 1.89 3.01
N GLY A 119 -0.20 1.98 2.82
CA GLY A 119 0.69 0.87 3.07
C GLY A 119 1.45 1.05 4.37
N GLY A 120 2.52 0.28 4.50
CA GLY A 120 3.25 0.15 5.76
C GLY A 120 3.45 -1.31 6.15
N GLY A 121 3.62 -2.16 5.14
CA GLY A 121 3.95 -3.57 5.37
C GLY A 121 2.94 -4.37 6.17
N PHE A 122 1.68 -3.93 6.24
CA PHE A 122 0.62 -4.48 7.08
C PHE A 122 0.92 -4.40 8.56
N TYR A 123 1.97 -3.70 8.96
CA TYR A 123 2.27 -3.52 10.38
C TYR A 123 2.17 -2.07 10.83
N SER A 124 1.94 -1.12 9.92
CA SER A 124 2.00 0.29 10.25
C SER A 124 1.14 1.07 9.26
N GLY A 125 1.03 2.37 9.49
CA GLY A 125 0.32 3.23 8.57
C GLY A 125 -0.88 3.88 9.20
N ALA A 126 -1.31 4.97 8.59
CA ALA A 126 -2.44 5.73 9.10
C ALA A 126 -2.96 6.60 7.97
N SER A 127 -4.27 6.82 7.97
CA SER A 127 -4.83 7.67 6.92
C SER A 127 -4.61 9.13 7.23
N SER A 128 -4.10 9.45 8.44
CA SER A 128 -3.89 10.84 8.83
C SER A 128 -2.50 11.37 8.51
N LEU A 129 -1.62 10.58 7.92
CA LEU A 129 -0.28 11.11 7.60
C LEU A 129 -0.41 12.31 6.65
N ASP A 130 0.45 13.31 6.86
CA ASP A 130 0.40 14.54 6.06
C ASP A 130 0.53 14.25 4.58
N VAL A 131 1.28 13.21 4.21
CA VAL A 131 1.45 12.93 2.79
C VAL A 131 0.21 12.36 2.13
N TYR A 132 -0.81 11.94 2.89
CA TYR A 132 -2.08 11.47 2.34
C TYR A 132 -3.21 12.53 2.41
N ASP A 133 -2.85 13.79 2.64
CA ASP A 133 -3.80 14.90 2.66
C ASP A 133 -4.59 14.95 1.36
N GLY A 134 -5.90 14.65 1.42
CA GLY A 134 -6.72 14.56 0.21
C GLY A 134 -7.16 15.88 -0.44
N ARG A 135 -6.78 17.03 0.12
CA ARG A 135 -7.44 18.27 -0.27
C ARG A 135 -7.01 18.76 -1.66
N PHE A 136 -5.77 18.49 -2.09
CA PHE A 136 -5.30 19.05 -3.36
C PHE A 136 -5.84 18.28 -4.55
N LEU A 137 -5.84 16.95 -4.45
CA LEU A 137 -6.49 16.07 -5.40
C LEU A 137 -7.96 16.46 -5.62
N VAL A 138 -8.70 16.57 -4.53
CA VAL A 138 -10.13 16.84 -4.64
C VAL A 138 -10.38 18.22 -5.25
N GLN A 139 -9.65 19.23 -4.80
CA GLN A 139 -9.81 20.56 -5.39
C GLN A 139 -9.48 20.54 -6.88
N ALA A 140 -8.42 19.80 -7.26
CA ALA A 140 -7.86 19.92 -8.60
C ALA A 140 -8.79 19.29 -9.63
N GLU A 141 -9.29 18.10 -9.33
CA GLU A 141 -9.99 17.33 -10.31
C GLU A 141 -11.40 17.01 -9.87
N ARG A 142 -11.77 17.43 -8.66
CA ARG A 142 -13.16 17.41 -8.19
C ARG A 142 -13.74 16.00 -8.19
N THR A 143 -12.89 15.00 -7.92
CA THR A 143 -13.40 13.70 -7.52
C THR A 143 -13.73 13.75 -6.02
N VAL A 144 -14.33 12.69 -5.52
CA VAL A 144 -14.43 12.49 -4.07
C VAL A 144 -13.32 11.53 -3.66
N LEU A 145 -12.65 11.82 -2.54
CA LEU A 145 -11.60 10.95 -2.00
C LEU A 145 -12.06 10.40 -0.65
N VAL A 146 -11.97 9.09 -0.48
CA VAL A 146 -12.16 8.48 0.83
C VAL A 146 -10.87 7.79 1.24
N SER A 147 -10.50 7.87 2.53
CA SER A 147 -9.50 6.97 3.10
C SER A 147 -9.97 6.40 4.43
N MET A 148 -9.48 5.21 4.78
CA MET A 148 -9.87 4.57 6.03
C MET A 148 -8.63 4.10 6.79
N ASN A 149 -8.77 3.98 8.12
CA ASN A 149 -7.85 3.20 8.94
C ASN A 149 -8.30 1.76 8.94
N TYR A 150 -7.32 0.85 8.94
CA TYR A 150 -7.61 -0.57 9.12
C TYR A 150 -6.59 -1.12 10.11
N ARG A 151 -6.97 -2.16 10.85
CA ARG A 151 -6.06 -2.72 11.83
C ARG A 151 -4.83 -3.34 11.17
N VAL A 152 -3.68 -3.15 11.81
CA VAL A 152 -2.40 -3.62 11.30
C VAL A 152 -1.74 -4.49 12.37
N GLY A 153 -0.63 -5.13 12.00
CA GLY A 153 0.10 -5.96 12.95
C GLY A 153 -0.77 -7.12 13.44
N ALA A 154 -0.53 -7.55 14.68
CA ALA A 154 -1.29 -8.67 15.21
C ALA A 154 -2.78 -8.33 15.29
N PHE A 155 -3.10 -7.07 15.59
CA PHE A 155 -4.50 -6.68 15.73
C PHE A 155 -5.26 -6.88 14.44
N GLY A 156 -4.60 -6.72 13.31
CA GLY A 156 -5.30 -6.89 12.05
C GLY A 156 -5.10 -8.24 11.39
N PHE A 157 -3.97 -8.94 11.68
CA PHE A 157 -3.63 -10.13 10.90
C PHE A 157 -3.06 -11.32 11.69
N LEU A 158 -2.97 -11.24 13.02
CA LEU A 158 -2.74 -12.47 13.77
C LEU A 158 -3.83 -13.47 13.42
N ALA A 159 -3.43 -14.68 13.05
CA ALA A 159 -4.38 -15.70 12.63
C ALA A 159 -4.03 -17.03 13.29
N LEU A 160 -5.02 -17.64 13.94
CA LEU A 160 -4.96 -19.05 14.27
C LEU A 160 -5.92 -19.75 13.31
N PRO A 161 -5.45 -20.17 12.14
CA PRO A 161 -6.37 -20.52 11.05
C PRO A 161 -7.31 -21.65 11.44
N GLY A 162 -8.54 -21.55 10.93
CA GLY A 162 -9.60 -22.46 11.30
C GLY A 162 -10.34 -22.08 12.56
N SER A 163 -9.81 -21.14 13.35
CA SER A 163 -10.48 -20.73 14.58
C SER A 163 -11.50 -19.62 14.31
N ARG A 164 -12.42 -19.47 15.26
CA ARG A 164 -13.38 -18.39 15.25
C ARG A 164 -12.87 -17.19 16.03
N GLU A 165 -11.93 -17.40 16.94
CA GLU A 165 -11.44 -16.33 17.80
C GLU A 165 -10.35 -15.48 17.16
N ALA A 166 -9.61 -16.03 16.20
CA ALA A 166 -8.59 -15.28 15.45
C ALA A 166 -8.54 -15.84 14.04
N PRO A 167 -9.56 -15.58 13.23
CA PRO A 167 -9.60 -16.18 11.89
C PRO A 167 -8.63 -15.57 10.91
N GLY A 168 -8.00 -14.44 11.26
CA GLY A 168 -7.08 -13.77 10.37
C GLY A 168 -7.78 -12.87 9.38
N ASN A 169 -6.99 -12.06 8.70
CA ASN A 169 -7.42 -11.13 7.65
C ASN A 169 -8.42 -10.08 8.12
N VAL A 170 -8.54 -9.84 9.42
CA VAL A 170 -9.56 -8.89 9.85
C VAL A 170 -9.19 -7.45 9.47
N GLY A 171 -7.90 -7.13 9.28
CA GLY A 171 -7.56 -5.82 8.71
C GLY A 171 -8.09 -5.63 7.29
N LEU A 172 -8.12 -6.71 6.51
CA LEU A 172 -8.72 -6.65 5.17
C LEU A 172 -10.25 -6.54 5.27
N LEU A 173 -10.85 -7.19 6.24
CA LEU A 173 -12.28 -7.02 6.48
C LEU A 173 -12.61 -5.60 6.95
N ASP A 174 -11.70 -4.94 7.68
CA ASP A 174 -11.91 -3.53 7.99
C ASP A 174 -12.01 -2.73 6.71
N GLN A 175 -11.06 -2.95 5.79
CA GLN A 175 -11.13 -2.27 4.50
C GLN A 175 -12.42 -2.60 3.76
N ARG A 176 -12.85 -3.86 3.78
CA ARG A 176 -14.07 -4.21 3.06
C ARG A 176 -15.29 -3.51 3.66
N LEU A 177 -15.34 -3.40 4.99
CA LEU A 177 -16.45 -2.71 5.63
C LEU A 177 -16.47 -1.23 5.26
N ALA A 178 -15.30 -0.61 5.18
CA ALA A 178 -15.25 0.78 4.74
C ALA A 178 -15.74 0.91 3.31
N LEU A 179 -15.45 -0.09 2.46
CA LEU A 179 -15.95 -0.05 1.08
C LEU A 179 -17.47 -0.20 1.03
N GLN A 180 -18.04 -1.05 1.91
CA GLN A 180 -19.48 -1.14 2.05
C GLN A 180 -20.08 0.16 2.55
N TRP A 181 -19.37 0.84 3.46
CA TRP A 181 -19.80 2.17 3.93
C TRP A 181 -19.85 3.16 2.78
N VAL A 182 -18.85 3.12 1.88
CA VAL A 182 -18.84 4.01 0.72
C VAL A 182 -20.01 3.68 -0.21
N GLN A 183 -20.29 2.40 -0.44
CA GLN A 183 -21.45 2.06 -1.26
C GLN A 183 -22.72 2.66 -0.66
N GLU A 184 -22.86 2.60 0.67
CA GLU A 184 -24.09 3.04 1.34
C GLU A 184 -24.17 4.54 1.51
N ASN A 185 -23.04 5.25 1.62
CA ASN A 185 -23.10 6.63 2.09
C ASN A 185 -22.41 7.66 1.22
N VAL A 186 -21.61 7.26 0.22
CA VAL A 186 -20.79 8.29 -0.44
C VAL A 186 -21.66 9.22 -1.29
N ALA A 187 -22.86 8.79 -1.68
CA ALA A 187 -23.74 9.68 -2.42
C ALA A 187 -24.14 10.88 -1.58
N ALA A 188 -24.22 10.74 -0.25
CA ALA A 188 -24.55 11.91 0.57
C ALA A 188 -23.53 13.02 0.40
N PHE A 189 -22.32 12.71 -0.06
CA PHE A 189 -21.27 13.71 -0.24
C PHE A 189 -21.14 14.12 -1.70
N GLY A 190 -22.02 13.63 -2.57
CA GLY A 190 -21.89 13.85 -4.00
C GLY A 190 -20.99 12.87 -4.73
N GLY A 191 -20.63 11.75 -4.09
CA GLY A 191 -19.85 10.74 -4.77
C GLY A 191 -20.73 9.76 -5.48
N ASP A 192 -20.16 9.08 -6.46
CA ASP A 192 -20.90 8.10 -7.24
C ASP A 192 -20.55 6.69 -6.77
N PRO A 193 -21.44 5.96 -6.05
CA PRO A 193 -21.05 4.60 -5.63
C PRO A 193 -20.89 3.61 -6.81
N THR A 194 -21.29 3.96 -8.03
CA THR A 194 -21.10 3.08 -9.18
C THR A 194 -19.79 3.37 -9.90
N SER A 195 -18.96 4.29 -9.38
CA SER A 195 -17.68 4.64 -9.97
C SER A 195 -16.63 4.80 -8.84
N VAL A 196 -16.20 3.67 -8.31
CA VAL A 196 -15.25 3.61 -7.20
C VAL A 196 -13.95 3.01 -7.72
N THR A 197 -12.88 3.76 -7.59
CA THR A 197 -11.54 3.33 -7.93
C THR A 197 -10.73 3.17 -6.64
N LEU A 198 -10.27 1.95 -6.36
CA LEU A 198 -9.35 1.74 -5.23
C LEU A 198 -7.92 2.07 -5.65
N PHE A 199 -7.19 2.82 -4.81
CA PHE A 199 -5.74 3.00 -5.05
C PHE A 199 -4.99 2.90 -3.74
N GLY A 200 -3.77 2.37 -3.83
CA GLY A 200 -2.99 2.09 -2.64
C GLY A 200 -1.54 1.84 -3.01
N GLU A 201 -0.67 2.00 -2.01
CA GLU A 201 0.77 1.87 -2.21
C GLU A 201 1.34 0.84 -1.24
N SER A 202 2.29 0.04 -1.73
CA SER A 202 3.00 -0.99 -0.94
C SER A 202 1.98 -2.00 -0.42
N ALA A 203 1.88 -2.23 0.91
CA ALA A 203 0.85 -3.11 1.44
C ALA A 203 -0.57 -2.64 1.09
N GLY A 204 -0.77 -1.32 0.88
CA GLY A 204 -2.04 -0.84 0.36
C GLY A 204 -2.33 -1.33 -1.05
N ALA A 205 -1.30 -1.31 -1.93
CA ALA A 205 -1.42 -1.94 -3.25
C ALA A 205 -1.73 -3.43 -3.14
N ALA A 206 -0.95 -4.15 -2.31
CA ALA A 206 -1.21 -5.56 -2.13
C ALA A 206 -2.65 -5.81 -1.68
N SER A 207 -3.15 -4.96 -0.77
CA SER A 207 -4.52 -5.05 -0.32
C SER A 207 -5.49 -4.85 -1.48
N VAL A 208 -5.27 -3.81 -2.31
CA VAL A 208 -6.13 -3.60 -3.48
C VAL A 208 -6.20 -4.88 -4.31
N GLY A 209 -5.02 -5.50 -4.52
CA GLY A 209 -4.95 -6.76 -5.23
C GLY A 209 -5.78 -7.86 -4.58
N MET A 210 -5.77 -7.91 -3.25
CA MET A 210 -6.54 -8.96 -2.61
C MET A 210 -8.05 -8.73 -2.72
N HIS A 211 -8.50 -7.47 -2.75
CA HIS A 211 -9.92 -7.23 -3.03
C HIS A 211 -10.30 -7.64 -4.46
N LEU A 212 -9.42 -7.38 -5.41
CA LEU A 212 -9.63 -7.84 -6.78
C LEU A 212 -9.89 -9.33 -6.83
N LEU A 213 -9.28 -10.09 -5.92
CA LEU A 213 -9.29 -11.54 -5.98
C LEU A 213 -10.25 -12.16 -5.00
N SER A 214 -10.99 -11.34 -4.27
CA SER A 214 -11.94 -11.85 -3.27
C SER A 214 -13.35 -11.47 -3.72
N PRO A 215 -14.20 -12.42 -4.09
CA PRO A 215 -15.52 -12.08 -4.72
C PRO A 215 -16.36 -11.12 -3.87
N PRO A 216 -16.50 -11.33 -2.55
CA PRO A 216 -17.29 -10.38 -1.75
C PRO A 216 -16.80 -8.92 -1.80
N SER A 217 -15.52 -8.67 -2.07
CA SER A 217 -15.05 -7.29 -2.19
C SER A 217 -15.25 -6.76 -3.57
N ARG A 218 -15.24 -7.67 -4.55
CA ARG A 218 -15.21 -7.30 -5.97
C ARG A 218 -16.46 -6.52 -6.38
N GLY A 219 -17.59 -6.77 -5.74
CA GLY A 219 -18.73 -5.94 -6.07
C GLY A 219 -18.73 -4.52 -5.51
N LEU A 220 -17.70 -4.14 -4.74
CA LEU A 220 -17.68 -2.85 -4.06
C LEU A 220 -16.85 -1.81 -4.77
N PHE A 221 -16.30 -2.12 -5.94
CA PHE A 221 -15.48 -1.16 -6.66
C PHE A 221 -15.37 -1.60 -8.11
N HIS A 222 -14.81 -0.73 -8.94
CA HIS A 222 -14.87 -0.96 -10.38
C HIS A 222 -13.51 -0.94 -11.06
N ARG A 223 -12.50 -0.28 -10.48
CA ARG A 223 -11.17 -0.14 -11.03
C ARG A 223 -10.14 -0.14 -9.90
N ALA A 224 -8.87 -0.33 -10.25
CA ALA A 224 -7.84 -0.49 -9.22
C ALA A 224 -6.54 0.16 -9.67
N VAL A 225 -5.83 0.79 -8.72
CA VAL A 225 -4.48 1.29 -8.91
C VAL A 225 -3.57 0.60 -7.89
N LEU A 226 -2.50 -0.04 -8.37
CA LEU A 226 -1.54 -0.75 -7.50
C LEU A 226 -0.20 -0.06 -7.66
N GLN A 227 0.18 0.75 -6.68
CA GLN A 227 1.44 1.47 -6.71
C GLN A 227 2.46 0.70 -5.86
N SER A 228 3.50 0.19 -6.52
CA SER A 228 4.66 -0.41 -5.84
C SER A 228 4.27 -1.55 -4.89
N GLY A 229 3.38 -2.44 -5.32
CA GLY A 229 3.02 -3.58 -4.49
C GLY A 229 2.02 -4.47 -5.20
N ALA A 230 1.92 -5.70 -4.73
CA ALA A 230 1.13 -6.69 -5.43
C ALA A 230 0.77 -7.80 -4.46
N PRO A 231 -0.41 -8.42 -4.60
CA PRO A 231 -0.78 -9.44 -3.60
C PRO A 231 0.03 -10.71 -3.72
N ASN A 232 0.73 -10.93 -4.84
CA ASN A 232 1.57 -12.11 -5.06
C ASN A 232 3.03 -11.88 -4.67
N GLY A 233 3.37 -10.74 -4.06
CA GLY A 233 4.69 -10.54 -3.50
C GLY A 233 5.04 -11.54 -2.41
N PRO A 234 6.33 -11.90 -2.29
CA PRO A 234 6.74 -12.92 -1.31
C PRO A 234 6.50 -12.53 0.15
N TRP A 235 6.28 -11.23 0.42
CA TRP A 235 6.00 -10.69 1.75
C TRP A 235 4.53 -10.49 2.05
N ALA A 236 3.64 -10.53 1.04
CA ALA A 236 2.28 -10.05 1.24
C ALA A 236 1.32 -11.09 1.82
N THR A 237 1.69 -12.37 1.79
CA THR A 237 0.83 -13.42 2.34
C THR A 237 1.72 -14.43 3.06
N VAL A 238 1.13 -15.14 4.02
CA VAL A 238 1.78 -16.25 4.68
C VAL A 238 0.86 -17.45 4.59
N GLY A 239 1.47 -18.65 4.70
CA GLY A 239 0.68 -19.86 4.82
C GLY A 239 0.07 -20.03 6.20
N MET A 240 -0.90 -20.93 6.27
CA MET A 240 -1.59 -21.18 7.54
C MET A 240 -0.63 -21.74 8.59
N GLY A 241 0.27 -22.62 8.20
CA GLY A 241 1.21 -23.17 9.15
C GLY A 241 2.13 -22.12 9.72
N GLU A 242 2.70 -21.28 8.84
CA GLU A 242 3.58 -20.22 9.32
C GLU A 242 2.81 -19.20 10.15
N ALA A 243 1.59 -18.86 9.72
CA ALA A 243 0.76 -17.94 10.49
C ALA A 243 0.49 -18.48 11.88
N ARG A 244 0.14 -19.76 11.98
CA ARG A 244 -0.10 -20.34 13.30
C ARG A 244 1.19 -20.34 14.12
N ARG A 245 2.31 -20.59 13.46
CA ARG A 245 3.57 -20.64 14.19
C ARG A 245 3.91 -19.28 14.78
N ARG A 246 3.69 -18.21 14.01
CA ARG A 246 4.02 -16.87 14.49
C ARG A 246 3.10 -16.44 15.62
N ALA A 247 1.80 -16.73 15.49
CA ALA A 247 0.86 -16.37 16.55
C ALA A 247 1.13 -17.15 17.83
N THR A 248 1.47 -18.43 17.69
CA THR A 248 1.78 -19.21 18.88
C THR A 248 3.07 -18.70 19.51
N GLN A 249 4.08 -18.36 18.70
CA GLN A 249 5.29 -17.83 19.31
C GLN A 249 5.04 -16.48 19.98
N LEU A 250 4.18 -15.64 19.39
CA LEU A 250 3.84 -14.37 20.03
C LEU A 250 3.18 -14.62 21.38
N ALA A 251 2.26 -15.57 21.42
CA ALA A 251 1.59 -15.87 22.67
C ALA A 251 2.60 -16.33 23.72
N HIS A 252 3.56 -17.17 23.32
CA HIS A 252 4.53 -17.62 24.32
C HIS A 252 5.45 -16.48 24.76
N LEU A 253 5.75 -15.52 23.86
CA LEU A 253 6.63 -14.42 24.28
C LEU A 253 5.93 -13.49 25.26
N VAL A 254 4.61 -13.42 25.26
CA VAL A 254 3.89 -12.60 26.22
C VAL A 254 3.35 -13.41 27.38
N GLY A 255 3.57 -14.73 27.39
CA GLY A 255 3.18 -15.60 28.50
C GLY A 255 1.85 -16.32 28.37
N CYS A 256 1.51 -16.85 27.20
CA CYS A 256 0.21 -17.49 27.00
C CYS A 256 0.38 -18.90 26.44
N PRO A 257 -0.21 -19.93 27.07
CA PRO A 257 -0.90 -19.64 28.33
C PRO A 257 -0.12 -20.11 29.56
N ASN A 264 -5.14 -25.63 22.82
CA ASN A 264 -6.47 -25.02 22.73
C ASN A 264 -6.37 -23.60 22.17
N ASP A 265 -7.01 -23.38 21.01
CA ASP A 265 -7.00 -22.07 20.37
C ASP A 265 -7.74 -21.02 21.22
N THR A 266 -8.94 -21.39 21.69
CA THR A 266 -9.77 -20.45 22.44
C THR A 266 -9.04 -19.89 23.65
N GLU A 267 -8.39 -20.75 24.42
CA GLU A 267 -7.69 -20.28 25.62
C GLU A 267 -6.50 -19.43 25.25
N LEU A 268 -5.84 -19.76 24.15
CA LEU A 268 -4.68 -19.00 23.69
C LEU A 268 -5.07 -17.55 23.36
N VAL A 269 -6.10 -17.36 22.53
CA VAL A 269 -6.55 -16.03 22.15
C VAL A 269 -7.11 -15.28 23.35
N ALA A 270 -7.85 -15.99 24.22
CA ALA A 270 -8.40 -15.37 25.42
C ALA A 270 -7.32 -14.78 26.31
N CYS A 271 -6.16 -15.43 26.35
CA CYS A 271 -5.04 -14.88 27.08
C CYS A 271 -4.41 -13.70 26.34
N LEU A 272 -4.27 -13.80 25.01
CA LEU A 272 -3.78 -12.69 24.21
C LEU A 272 -4.65 -11.43 24.38
N ARG A 273 -5.95 -11.60 24.60
CA ARG A 273 -6.81 -10.43 24.77
C ARG A 273 -6.63 -9.72 26.10
N THR A 274 -6.00 -10.37 27.09
CA THR A 274 -5.77 -9.71 28.37
C THR A 274 -4.55 -8.81 28.36
N ARG A 275 -3.66 -9.00 27.39
CA ARG A 275 -2.43 -8.23 27.43
C ARG A 275 -2.65 -6.84 26.84
N PRO A 276 -2.00 -5.83 27.38
CA PRO A 276 -2.10 -4.50 26.80
C PRO A 276 -1.61 -4.52 25.35
N ALA A 277 -2.23 -3.67 24.54
CA ALA A 277 -1.85 -3.57 23.12
C ALA A 277 -0.34 -3.43 22.96
N GLN A 278 0.28 -2.52 23.71
CA GLN A 278 1.71 -2.24 23.52
C GLN A 278 2.57 -3.46 23.80
N VAL A 279 2.12 -4.35 24.68
CA VAL A 279 2.89 -5.56 24.98
C VAL A 279 2.99 -6.44 23.74
N LEU A 280 1.87 -6.62 23.02
CA LEU A 280 1.91 -7.37 21.76
C LEU A 280 2.85 -6.70 20.75
N VAL A 281 2.69 -5.39 20.59
CA VAL A 281 3.55 -4.66 19.66
C VAL A 281 5.03 -4.87 19.99
N ASN A 282 5.38 -4.91 21.28
CA ASN A 282 6.79 -5.00 21.65
C ASN A 282 7.44 -6.30 21.20
N HIS A 283 6.66 -7.35 20.97
CA HIS A 283 7.23 -8.65 20.61
C HIS A 283 7.04 -8.96 19.14
N GLU A 284 6.52 -8.00 18.38
CA GLU A 284 6.00 -8.31 17.07
C GLU A 284 7.08 -8.86 16.18
N TRP A 285 8.20 -8.19 16.16
CA TRP A 285 9.33 -8.58 15.36
C TRP A 285 10.03 -9.87 15.73
N HIS A 286 10.01 -10.21 17.00
CA HIS A 286 10.66 -11.42 17.51
C HIS A 286 10.15 -12.71 16.87
N VAL A 287 8.93 -12.69 16.28
CA VAL A 287 8.36 -13.92 15.73
C VAL A 287 8.78 -14.18 14.30
N LEU A 288 9.53 -13.26 13.67
CA LEU A 288 10.10 -13.56 12.37
C LEU A 288 11.19 -14.62 12.54
N PRO A 289 11.29 -15.58 11.61
CA PRO A 289 12.24 -16.69 11.83
C PRO A 289 13.68 -16.32 11.59
N GLN A 290 13.94 -15.48 10.60
CA GLN A 290 15.29 -15.15 10.25
C GLN A 290 15.38 -13.64 10.08
N GLU A 291 16.63 -13.22 10.05
CA GLU A 291 17.03 -11.86 9.83
C GLU A 291 16.62 -11.46 8.42
N SER A 292 16.07 -10.27 8.21
CA SER A 292 15.54 -9.97 6.88
C SER A 292 15.31 -8.48 6.74
N VAL A 293 15.15 -8.07 5.49
CA VAL A 293 14.48 -6.83 5.16
C VAL A 293 13.24 -7.22 4.36
N PHE A 294 12.26 -6.31 4.36
CA PHE A 294 11.05 -6.47 3.57
C PHE A 294 10.30 -7.75 3.97
N ARG A 295 10.28 -8.06 5.27
CA ARG A 295 9.45 -9.15 5.77
C ARG A 295 8.73 -8.69 7.01
N PHE A 296 7.46 -9.10 7.15
CA PHE A 296 6.61 -8.57 8.20
C PHE A 296 5.86 -9.70 8.86
N SER A 297 5.64 -9.56 10.17
CA SER A 297 5.22 -10.71 10.99
C SER A 297 3.78 -11.12 10.70
N PHE A 298 2.85 -10.16 10.72
CA PHE A 298 1.44 -10.49 10.63
C PHE A 298 0.88 -9.88 9.34
N VAL A 299 0.66 -10.71 8.34
CA VAL A 299 0.23 -10.27 7.01
C VAL A 299 -0.97 -11.13 6.63
N PRO A 300 -1.67 -10.84 5.52
CA PRO A 300 -2.82 -11.68 5.11
C PRO A 300 -2.45 -13.17 5.00
N VAL A 301 -3.38 -14.03 5.40
CA VAL A 301 -3.13 -15.47 5.39
C VAL A 301 -4.03 -16.12 4.36
N VAL A 302 -3.46 -17.01 3.54
CA VAL A 302 -4.24 -17.83 2.62
C VAL A 302 -5.06 -18.82 3.43
N ASP A 303 -6.31 -18.46 3.73
CA ASP A 303 -7.16 -19.16 4.69
C ASP A 303 -8.22 -20.04 4.03
N GLY A 304 -8.42 -19.93 2.73
CA GLY A 304 -9.56 -20.50 2.05
C GLY A 304 -10.86 -19.75 2.26
N ASP A 305 -10.81 -18.56 2.87
CA ASP A 305 -12.00 -17.76 3.13
C ASP A 305 -11.94 -16.44 2.36
N PHE A 306 -11.26 -15.41 2.92
CA PHE A 306 -11.07 -14.17 2.17
C PHE A 306 -10.38 -14.46 0.84
N LEU A 307 -9.30 -15.25 0.88
CA LEU A 307 -8.64 -15.77 -0.31
C LEU A 307 -8.90 -17.28 -0.38
N SER A 308 -9.67 -17.69 -1.39
CA SER A 308 -9.97 -19.11 -1.57
C SER A 308 -8.72 -19.92 -1.88
N ASP A 309 -7.74 -19.30 -2.53
CA ASP A 309 -6.49 -19.94 -2.90
C ASP A 309 -5.38 -18.90 -2.78
N THR A 310 -4.14 -19.30 -3.10
CA THR A 310 -3.04 -18.37 -3.09
C THR A 310 -3.31 -17.23 -4.07
N PRO A 311 -2.78 -16.04 -3.82
CA PRO A 311 -2.92 -14.96 -4.82
C PRO A 311 -2.39 -15.37 -6.19
N GLU A 312 -1.29 -16.11 -6.24
CA GLU A 312 -0.78 -16.55 -7.54
C GLU A 312 -1.79 -17.43 -8.26
N ALA A 313 -2.39 -18.39 -7.55
CA ALA A 313 -3.38 -19.27 -8.17
C ALA A 313 -4.62 -18.49 -8.63
N LEU A 314 -5.13 -17.58 -7.78
CA LEU A 314 -6.30 -16.80 -8.17
C LEU A 314 -5.99 -15.87 -9.34
N ILE A 315 -4.77 -15.34 -9.41
CA ILE A 315 -4.39 -14.51 -10.55
C ILE A 315 -4.38 -15.32 -11.84
N ASN A 316 -3.83 -16.54 -11.77
CA ASN A 316 -3.68 -17.35 -12.98
C ASN A 316 -5.01 -17.87 -13.47
N ALA A 317 -5.95 -18.13 -12.55
CA ALA A 317 -7.24 -18.68 -12.86
C ALA A 317 -8.32 -17.62 -13.13
N GLY A 318 -8.02 -16.34 -12.89
CA GLY A 318 -9.07 -15.32 -12.91
C GLY A 318 -9.44 -14.82 -14.30
N ASP A 319 -10.73 -14.51 -14.45
CA ASP A 319 -11.23 -13.78 -15.61
C ASP A 319 -11.38 -12.32 -15.21
N PHE A 320 -10.72 -11.41 -15.94
CA PHE A 320 -10.63 -10.01 -15.55
C PHE A 320 -11.21 -9.07 -16.61
N HIS A 321 -12.09 -9.57 -17.46
CA HIS A 321 -12.80 -8.72 -18.39
C HIS A 321 -13.65 -7.70 -17.63
N GLY A 322 -13.66 -6.46 -18.12
CA GLY A 322 -14.40 -5.39 -17.50
C GLY A 322 -13.65 -4.65 -16.42
N LEU A 323 -12.43 -5.08 -16.14
CA LEU A 323 -11.59 -4.43 -15.14
C LEU A 323 -10.57 -3.55 -15.84
N GLN A 324 -10.34 -2.36 -15.30
CA GLN A 324 -9.18 -1.56 -15.68
C GLN A 324 -8.27 -1.43 -14.46
N VAL A 325 -6.97 -1.46 -14.70
CA VAL A 325 -5.98 -1.47 -13.64
C VAL A 325 -4.85 -0.55 -14.06
N LEU A 326 -4.41 0.28 -13.13
CA LEU A 326 -3.22 1.10 -13.31
C LEU A 326 -2.18 0.61 -12.31
N VAL A 327 -0.97 0.25 -12.79
CA VAL A 327 0.07 -0.33 -11.93
C VAL A 327 1.39 0.38 -12.20
N GLY A 328 2.30 0.33 -11.22
CA GLY A 328 3.57 1.03 -11.40
C GLY A 328 4.51 0.82 -10.23
N VAL A 329 5.74 1.31 -10.44
CA VAL A 329 6.82 1.17 -9.47
C VAL A 329 7.63 2.45 -9.52
N VAL A 330 8.36 2.73 -8.44
CA VAL A 330 9.32 3.82 -8.43
C VAL A 330 10.65 3.29 -8.99
N LYS A 331 11.58 4.20 -9.27
CA LYS A 331 12.78 3.77 -9.97
C LYS A 331 13.69 2.91 -9.08
N ASP A 332 13.75 3.19 -7.77
CA ASP A 332 14.64 2.45 -6.85
C ASP A 332 13.85 1.84 -5.69
N GLU A 333 13.11 0.76 -5.99
CA GLU A 333 12.24 0.15 -5.00
C GLU A 333 13.00 -0.41 -3.79
N GLY A 334 14.26 -0.85 -3.98
CA GLY A 334 14.92 -1.62 -2.93
C GLY A 334 15.66 -0.79 -1.90
N SER A 335 16.11 0.42 -2.28
CA SER A 335 17.16 1.11 -1.54
C SER A 335 16.73 1.46 -0.11
N TYR A 336 15.50 1.95 0.05
CA TYR A 336 14.94 2.26 1.37
C TYR A 336 15.10 1.10 2.36
N PHE A 337 14.93 -0.13 1.90
CA PHE A 337 14.89 -1.25 2.83
C PHE A 337 16.27 -1.68 3.28
N LEU A 338 17.33 -1.24 2.58
CA LEU A 338 18.66 -1.74 2.87
C LEU A 338 19.19 -1.21 4.20
N VAL A 339 18.83 0.03 4.58
CA VAL A 339 19.32 0.60 5.84
C VAL A 339 18.65 -0.06 7.04
N TYR A 340 17.70 -0.97 6.80
CA TYR A 340 17.02 -1.68 7.87
C TYR A 340 17.64 -3.05 8.21
N GLY A 341 18.87 -3.29 7.78
CA GLY A 341 19.47 -4.60 8.10
C GLY A 341 20.53 -5.14 7.16
N ALA A 342 20.70 -4.55 5.94
CA ALA A 342 21.79 -4.97 5.06
C ALA A 342 23.11 -4.43 5.58
N PRO A 343 24.12 -5.27 5.79
CA PRO A 343 25.39 -4.77 6.35
C PRO A 343 26.07 -3.79 5.42
N GLY A 344 26.65 -2.75 6.01
CA GLY A 344 27.36 -1.72 5.29
C GLY A 344 26.49 -0.56 4.85
N PHE A 345 25.18 -0.66 5.00
CA PHE A 345 24.27 0.36 4.51
C PHE A 345 23.92 1.33 5.62
N SER A 346 23.77 2.59 5.26
CA SER A 346 23.38 3.62 6.22
C SER A 346 22.91 4.83 5.45
N LYS A 347 21.94 5.55 6.03
CA LYS A 347 21.53 6.79 5.39
C LYS A 347 22.60 7.87 5.47
N ASP A 348 23.61 7.70 6.33
CA ASP A 348 24.56 8.75 6.68
C ASP A 348 25.90 8.68 5.92
N ASN A 349 26.11 7.66 5.08
CA ASN A 349 27.25 7.65 4.17
C ASN A 349 26.78 7.10 2.83
N GLU A 350 27.74 6.90 1.92
CA GLU A 350 27.44 6.45 0.57
C GLU A 350 27.14 4.96 0.46
N SER A 351 27.28 4.21 1.56
CA SER A 351 26.98 2.78 1.59
C SER A 351 27.64 2.07 0.40
N LEU A 352 28.92 2.34 0.20
CA LEU A 352 29.70 1.69 -0.85
C LEU A 352 30.24 0.38 -0.28
N ILE A 353 29.55 -0.72 -0.54
CA ILE A 353 29.77 -1.95 0.19
C ILE A 353 30.80 -2.82 -0.51
N SER A 354 31.45 -3.68 0.27
CA SER A 354 32.39 -4.71 -0.18
C SER A 354 31.63 -5.89 -0.78
N ARG A 355 32.33 -6.75 -1.53
CA ARG A 355 31.65 -7.95 -2.02
C ARG A 355 31.28 -8.85 -0.85
N ALA A 356 32.05 -8.82 0.24
CA ALA A 356 31.66 -9.59 1.41
C ALA A 356 30.33 -9.11 1.96
N GLU A 357 30.14 -7.78 2.03
CA GLU A 357 28.89 -7.22 2.52
C GLU A 357 27.74 -7.53 1.56
N PHE A 358 28.01 -7.54 0.25
CA PHE A 358 27.00 -7.87 -0.75
C PHE A 358 26.49 -9.30 -0.57
N LEU A 359 27.41 -10.27 -0.48
CA LEU A 359 27.02 -11.66 -0.26
C LEU A 359 26.22 -11.82 1.02
N ALA A 360 26.64 -11.13 2.09
CA ALA A 360 25.83 -11.19 3.31
C ALA A 360 24.50 -10.46 3.14
N GLY A 361 24.44 -9.40 2.32
CA GLY A 361 23.19 -8.70 2.08
C GLY A 361 22.17 -9.52 1.30
N VAL A 362 22.64 -10.37 0.39
CA VAL A 362 21.73 -11.24 -0.34
C VAL A 362 20.99 -12.17 0.60
N ARG A 363 21.65 -12.66 1.65
CA ARG A 363 20.99 -13.58 2.57
C ARG A 363 19.93 -12.86 3.39
N VAL A 364 20.16 -11.58 3.69
CA VAL A 364 19.14 -10.80 4.38
C VAL A 364 18.06 -10.35 3.40
N GLY A 365 18.45 -10.02 2.15
CA GLY A 365 17.51 -9.51 1.16
C GLY A 365 16.63 -10.57 0.54
N VAL A 366 17.07 -11.82 0.53
CA VAL A 366 16.23 -12.94 0.09
C VAL A 366 16.20 -13.95 1.24
N PRO A 367 15.42 -13.70 2.29
CA PRO A 367 15.55 -14.52 3.49
C PRO A 367 14.96 -15.91 3.31
N GLN A 368 15.52 -16.86 4.05
CA GLN A 368 15.05 -18.24 4.10
C GLN A 368 14.97 -18.86 2.70
N VAL A 369 16.08 -18.81 1.99
CA VAL A 369 16.18 -19.50 0.72
C VAL A 369 17.48 -20.27 0.70
N SER A 370 17.50 -21.34 -0.09
CA SER A 370 18.56 -22.31 -0.07
C SER A 370 19.86 -21.70 -0.59
N ASP A 371 20.97 -22.36 -0.26
CA ASP A 371 22.26 -21.97 -0.83
C ASP A 371 22.22 -22.02 -2.35
N LEU A 372 21.50 -23.02 -2.88
CA LEU A 372 21.37 -23.17 -4.32
C LEU A 372 20.67 -21.96 -4.96
N ALA A 373 19.59 -21.51 -4.34
CA ALA A 373 18.92 -20.31 -4.85
C ALA A 373 19.78 -19.06 -4.65
N ALA A 374 20.47 -18.96 -3.50
CA ALA A 374 21.28 -17.78 -3.24
C ALA A 374 22.43 -17.68 -4.26
N GLU A 375 23.00 -18.81 -4.66
CA GLU A 375 24.04 -18.79 -5.69
C GLU A 375 23.51 -18.25 -7.02
N ALA A 376 22.35 -18.75 -7.45
CA ALA A 376 21.72 -18.24 -8.66
C ALA A 376 21.47 -16.74 -8.58
N VAL A 377 20.95 -16.27 -7.42
CA VAL A 377 20.73 -14.82 -7.27
C VAL A 377 22.05 -14.07 -7.42
N VAL A 378 23.07 -14.48 -6.66
CA VAL A 378 24.37 -13.80 -6.74
C VAL A 378 24.90 -13.80 -8.17
N ARG A 379 24.78 -14.92 -8.87
CA ARG A 379 25.34 -14.97 -10.22
C ARG A 379 24.58 -14.04 -11.16
N HIS A 380 23.24 -14.07 -11.10
CA HIS A 380 22.43 -13.19 -11.96
C HIS A 380 22.80 -11.73 -11.76
N TYR A 381 22.98 -11.31 -10.51
CA TYR A 381 23.17 -9.90 -10.22
C TYR A 381 24.63 -9.47 -10.16
N THR A 382 25.57 -10.38 -10.43
CA THR A 382 27.00 -10.02 -10.41
C THR A 382 27.46 -9.68 -11.83
N ASP A 383 28.16 -8.57 -11.95
CA ASP A 383 28.93 -8.27 -13.15
C ASP A 383 30.30 -8.89 -12.91
N TRP A 384 30.57 -10.04 -13.52
CA TRP A 384 31.80 -10.77 -13.24
C TRP A 384 33.05 -10.09 -13.81
N LEU A 385 32.91 -9.01 -14.57
CA LEU A 385 34.06 -8.19 -14.92
C LEU A 385 34.39 -7.16 -13.85
N HIS A 386 33.41 -6.76 -13.05
CA HIS A 386 33.63 -5.92 -11.87
C HIS A 386 32.90 -6.54 -10.69
N PRO A 387 33.35 -7.72 -10.24
CA PRO A 387 32.68 -8.36 -9.10
C PRO A 387 32.92 -7.65 -7.78
N GLU A 388 33.84 -6.70 -7.71
CA GLU A 388 34.24 -6.06 -6.47
C GLU A 388 33.90 -4.58 -6.42
N ASP A 389 33.30 -4.02 -7.49
CA ASP A 389 33.08 -2.56 -7.55
C ASP A 389 32.03 -2.14 -6.52
N PRO A 390 32.37 -1.26 -5.58
CA PRO A 390 31.42 -0.97 -4.51
C PRO A 390 30.14 -0.32 -5.00
N ALA A 391 30.23 0.59 -5.97
CA ALA A 391 29.02 1.23 -6.48
C ALA A 391 28.10 0.21 -7.15
N ARG A 392 28.65 -0.62 -8.05
CA ARG A 392 27.84 -1.64 -8.72
C ARG A 392 27.19 -2.59 -7.72
N LEU A 393 27.94 -2.96 -6.67
CA LEU A 393 27.41 -3.88 -5.66
C LEU A 393 26.28 -3.24 -4.87
N ARG A 394 26.42 -1.96 -4.53
CA ARG A 394 25.35 -1.25 -3.83
C ARG A 394 24.07 -1.25 -4.66
N GLU A 395 24.17 -0.87 -5.95
CA GLU A 395 23.01 -0.89 -6.85
C GLU A 395 22.48 -2.29 -7.08
N ALA A 396 23.37 -3.27 -7.20
CA ALA A 396 22.88 -4.62 -7.46
C ALA A 396 22.05 -5.13 -6.29
N LEU A 397 22.50 -4.91 -5.05
CA LEU A 397 21.71 -5.38 -3.91
C LEU A 397 20.36 -4.64 -3.82
N SER A 398 20.37 -3.33 -4.09
CA SER A 398 19.12 -2.57 -4.21
C SER A 398 18.19 -3.23 -5.22
N ASP A 399 18.71 -3.56 -6.40
CA ASP A 399 17.93 -4.28 -7.41
C ASP A 399 17.46 -5.64 -6.91
N VAL A 400 18.33 -6.41 -6.24
CA VAL A 400 17.88 -7.72 -5.72
C VAL A 400 16.61 -7.56 -4.89
N VAL A 401 16.64 -6.64 -3.93
CA VAL A 401 15.52 -6.46 -3.00
C VAL A 401 14.31 -5.87 -3.75
N GLY A 402 14.52 -4.83 -4.56
CA GLY A 402 13.41 -4.23 -5.30
C GLY A 402 12.77 -5.17 -6.30
N ASP A 403 13.59 -5.90 -7.06
CA ASP A 403 13.05 -6.82 -8.07
C ASP A 403 12.26 -7.95 -7.42
N HIS A 404 12.84 -8.59 -6.42
CA HIS A 404 12.25 -9.78 -5.82
C HIS A 404 10.94 -9.41 -5.11
N ASN A 405 10.91 -8.27 -4.43
CA ASN A 405 9.75 -7.94 -3.60
C ASN A 405 8.67 -7.12 -4.31
N VAL A 406 9.04 -6.27 -5.26
CA VAL A 406 8.04 -5.37 -5.84
C VAL A 406 7.93 -5.55 -7.35
N VAL A 407 9.03 -5.33 -8.07
CA VAL A 407 8.93 -5.13 -9.52
C VAL A 407 8.49 -6.41 -10.22
N CYS A 408 9.11 -7.54 -9.89
CA CYS A 408 8.74 -8.76 -10.60
C CYS A 408 7.39 -9.29 -10.16
N PRO A 409 6.98 -9.12 -8.90
CA PRO A 409 5.58 -9.45 -8.58
C PRO A 409 4.59 -8.56 -9.33
N VAL A 410 4.91 -7.26 -9.46
CA VAL A 410 4.03 -6.34 -10.20
C VAL A 410 4.00 -6.69 -11.69
N ALA A 411 5.17 -6.92 -12.29
CA ALA A 411 5.21 -7.29 -13.70
C ALA A 411 4.45 -8.58 -13.96
N GLN A 412 4.59 -9.55 -13.05
CA GLN A 412 3.87 -10.80 -13.25
C GLN A 412 2.37 -10.59 -13.22
N LEU A 413 1.89 -9.84 -12.23
CA LEU A 413 0.45 -9.59 -12.11
C LEU A 413 -0.07 -8.84 -13.33
N ALA A 414 0.67 -7.82 -13.76
CA ALA A 414 0.25 -6.97 -14.87
C ALA A 414 0.10 -7.78 -16.15
N GLY A 415 1.06 -8.68 -16.43
CA GLY A 415 0.95 -9.54 -17.59
C GLY A 415 -0.23 -10.48 -17.52
N ARG A 416 -0.44 -11.13 -16.37
CA ARG A 416 -1.57 -12.05 -16.28
C ARG A 416 -2.91 -11.32 -16.36
N LEU A 417 -2.99 -10.10 -15.82
CA LEU A 417 -4.25 -9.36 -15.90
C LEU A 417 -4.55 -8.99 -17.34
N ALA A 418 -3.56 -8.41 -18.03
CA ALA A 418 -3.75 -7.98 -19.41
C ALA A 418 -4.08 -9.15 -20.32
N ALA A 419 -3.47 -10.30 -20.05
CA ALA A 419 -3.70 -11.46 -20.89
C ALA A 419 -5.08 -12.05 -20.63
N GLN A 420 -5.69 -11.77 -19.48
CA GLN A 420 -6.91 -12.45 -19.09
C GLN A 420 -8.12 -11.51 -19.01
N GLY A 421 -8.14 -10.45 -19.82
CA GLY A 421 -9.32 -9.64 -20.00
C GLY A 421 -9.19 -8.19 -19.55
N ALA A 422 -8.33 -7.89 -18.58
CA ALA A 422 -8.29 -6.54 -18.05
C ALA A 422 -7.56 -5.61 -19.01
N ARG A 423 -7.91 -4.33 -18.95
CA ARG A 423 -7.08 -3.29 -19.54
C ARG A 423 -6.11 -2.77 -18.49
N VAL A 424 -4.82 -2.67 -18.85
CA VAL A 424 -3.76 -2.36 -17.90
C VAL A 424 -2.93 -1.21 -18.42
N TYR A 425 -2.68 -0.23 -17.56
CA TYR A 425 -1.71 0.82 -17.82
C TYR A 425 -0.57 0.71 -16.81
N ALA A 426 0.66 1.01 -17.23
CA ALA A 426 1.83 0.76 -16.40
C ALA A 426 2.78 1.94 -16.46
N TYR A 427 3.43 2.21 -15.33
CA TYR A 427 4.37 3.33 -15.25
C TYR A 427 5.56 2.93 -14.40
N VAL A 428 6.63 3.70 -14.57
CA VAL A 428 7.74 3.76 -13.66
C VAL A 428 7.87 5.21 -13.28
N PHE A 429 7.87 5.48 -11.97
CA PHE A 429 8.05 6.83 -11.46
C PHE A 429 9.54 7.10 -11.23
N GLU A 430 10.05 8.17 -11.85
CA GLU A 430 11.49 8.38 -11.98
C GLU A 430 11.93 9.75 -11.52
N HIS A 431 11.06 10.51 -10.85
CA HIS A 431 11.47 11.83 -10.39
C HIS A 431 11.78 11.79 -8.90
N ARG A 432 12.99 12.23 -8.55
CA ARG A 432 13.43 12.35 -7.17
C ARG A 432 13.04 13.72 -6.65
N ALA A 433 12.23 13.75 -5.58
CA ALA A 433 11.78 15.03 -5.03
C ALA A 433 12.97 15.89 -4.66
N SER A 434 12.86 17.20 -4.91
CA SER A 434 13.93 18.12 -4.56
C SER A 434 14.08 18.28 -3.05
N THR A 435 13.02 17.96 -2.30
CA THR A 435 13.02 18.08 -0.85
C THR A 435 13.38 16.77 -0.15
N LEU A 436 13.76 15.73 -0.90
CA LEU A 436 13.90 14.38 -0.35
C LEU A 436 14.97 14.32 0.72
N SER A 437 14.61 13.82 1.91
CA SER A 437 15.57 13.85 3.02
C SER A 437 16.54 12.67 2.99
N TRP A 438 16.21 11.59 2.29
CA TRP A 438 17.13 10.46 2.18
C TRP A 438 18.32 10.82 1.30
N PRO A 439 19.45 10.11 1.43
CA PRO A 439 20.65 10.46 0.66
C PRO A 439 20.49 10.14 -0.82
N LEU A 440 21.34 10.78 -1.61
CA LEU A 440 21.26 10.64 -3.06
C LEU A 440 21.47 9.21 -3.54
N TRP A 441 22.20 8.36 -2.80
CA TRP A 441 22.43 7.03 -3.35
C TRP A 441 21.15 6.22 -3.42
N MET A 442 20.16 6.56 -2.60
CA MET A 442 18.90 5.82 -2.62
C MET A 442 18.00 6.13 -3.83
N GLY A 443 18.27 7.21 -4.55
CA GLY A 443 17.59 7.44 -5.84
C GLY A 443 16.17 7.93 -5.61
N VAL A 444 15.23 7.25 -6.27
CA VAL A 444 13.80 7.48 -6.11
C VAL A 444 13.26 6.29 -5.31
N PRO A 445 13.15 6.41 -4.00
CA PRO A 445 12.87 5.24 -3.17
C PRO A 445 11.37 4.98 -3.00
N HIS A 446 11.09 3.78 -2.53
CA HIS A 446 9.76 3.29 -2.18
C HIS A 446 9.00 4.31 -1.36
N GLY A 447 7.82 4.67 -1.84
CA GLY A 447 6.95 5.60 -1.13
C GLY A 447 7.01 7.04 -1.61
N TYR A 448 7.98 7.41 -2.46
CA TYR A 448 8.22 8.82 -2.72
C TYR A 448 7.61 9.31 -4.04
N GLU A 449 6.73 8.53 -4.67
CA GLU A 449 5.77 9.11 -5.62
C GLU A 449 4.50 9.62 -4.95
N ILE A 450 4.21 9.16 -3.72
CA ILE A 450 2.91 9.42 -3.10
C ILE A 450 2.65 10.91 -3.00
N GLU A 451 3.63 11.66 -2.52
CA GLU A 451 3.46 13.09 -2.30
C GLU A 451 3.14 13.82 -3.60
N PHE A 452 3.57 13.29 -4.75
CA PHE A 452 3.21 13.91 -6.02
C PHE A 452 1.80 13.53 -6.45
N ILE A 453 1.43 12.26 -6.28
CA ILE A 453 0.07 11.83 -6.58
C ILE A 453 -0.94 12.66 -5.80
N PHE A 454 -0.64 12.96 -4.53
CA PHE A 454 -1.56 13.71 -3.67
C PHE A 454 -1.38 15.22 -3.79
N GLY A 455 -0.55 15.71 -4.71
CA GLY A 455 -0.47 17.14 -4.93
C GLY A 455 0.13 17.93 -3.78
N ILE A 456 0.82 17.25 -2.89
CA ILE A 456 1.51 17.90 -1.77
C ILE A 456 2.42 19.04 -2.22
N PRO A 457 3.05 19.00 -3.41
CA PRO A 457 3.82 20.20 -3.82
C PRO A 457 3.01 21.48 -3.89
N LEU A 458 1.70 21.41 -4.10
CA LEU A 458 0.88 22.61 -4.10
C LEU A 458 0.80 23.28 -2.73
N ASP A 459 1.19 22.60 -1.66
CA ASP A 459 1.11 23.16 -0.31
C ASP A 459 2.08 24.34 -0.20
N PRO A 460 1.59 25.57 0.00
CA PRO A 460 2.48 26.73 0.10
C PRO A 460 3.44 26.67 1.29
N SER A 461 3.12 25.91 2.34
CA SER A 461 4.01 25.76 3.47
C SER A 461 5.27 24.95 3.15
N ARG A 462 5.29 24.21 2.05
CA ARG A 462 6.47 23.44 1.67
C ARG A 462 7.23 24.14 0.57
N ASN A 463 8.34 23.52 0.16
CA ASN A 463 9.40 24.20 -0.58
C ASN A 463 9.72 23.51 -1.89
N TYR A 464 8.71 22.95 -2.55
CA TYR A 464 8.97 22.32 -3.84
C TYR A 464 9.19 23.41 -4.89
N THR A 465 9.74 23.01 -6.03
CA THR A 465 9.98 23.91 -7.14
C THR A 465 8.71 24.13 -7.95
N ALA A 466 8.76 25.13 -8.84
CA ALA A 466 7.61 25.39 -9.70
C ALA A 466 7.37 24.26 -10.69
N GLU A 467 8.41 23.62 -11.18
CA GLU A 467 8.19 22.52 -12.13
C GLU A 467 7.61 21.31 -11.42
N GLU A 468 7.92 21.13 -10.13
CA GLU A 468 7.37 20.01 -9.37
C GLU A 468 5.87 20.19 -9.13
N LYS A 469 5.43 21.43 -8.90
CA LYS A 469 4.01 21.73 -8.80
C LYS A 469 3.27 21.40 -10.10
N ILE A 470 3.86 21.75 -11.25
CA ILE A 470 3.31 21.35 -12.55
C ILE A 470 3.26 19.83 -12.69
N PHE A 471 4.34 19.16 -12.31
CA PHE A 471 4.39 17.70 -12.40
C PHE A 471 3.30 17.06 -11.54
N ALA A 472 3.13 17.55 -10.30
CA ALA A 472 2.07 17.04 -9.43
C ALA A 472 0.69 17.21 -10.07
N GLN A 473 0.43 18.37 -10.69
CA GLN A 473 -0.86 18.57 -11.35
C GLN A 473 -1.05 17.60 -12.50
N ARG A 474 0.01 17.30 -13.26
CA ARG A 474 -0.11 16.30 -14.33
C ARG A 474 -0.51 14.95 -13.74
N LEU A 475 0.10 14.58 -12.62
CA LEU A 475 -0.15 13.23 -12.10
C LEU A 475 -1.54 13.14 -11.51
N MET A 476 -1.97 14.17 -10.77
CA MET A 476 -3.36 14.21 -10.31
C MET A 476 -4.32 14.08 -11.50
N ARG A 477 -3.99 14.71 -12.62
CA ARG A 477 -4.83 14.59 -13.80
C ARG A 477 -4.84 13.17 -14.35
N TYR A 478 -3.68 12.52 -14.42
CA TYR A 478 -3.66 11.13 -14.89
C TYR A 478 -4.51 10.25 -13.99
N TRP A 479 -4.34 10.37 -12.66
CA TRP A 479 -5.07 9.52 -11.73
C TRP A 479 -6.57 9.76 -11.81
N ALA A 480 -6.98 11.03 -11.95
CA ALA A 480 -8.40 11.35 -12.03
C ALA A 480 -9.00 10.92 -13.37
N ASN A 481 -8.24 11.10 -14.48
CA ASN A 481 -8.67 10.52 -15.75
C ASN A 481 -8.93 9.02 -15.60
N PHE A 482 -8.03 8.32 -14.91
CA PHE A 482 -8.20 6.89 -14.75
C PHE A 482 -9.40 6.57 -13.87
N ALA A 483 -9.58 7.33 -12.80
CA ALA A 483 -10.77 7.13 -11.96
C ALA A 483 -12.06 7.34 -12.77
N ARG A 484 -12.09 8.35 -13.64
CA ARG A 484 -13.31 8.68 -14.41
C ARG A 484 -13.62 7.65 -15.51
N THR A 485 -12.60 7.22 -16.27
CA THR A 485 -12.82 6.44 -17.48
C THR A 485 -12.08 5.10 -17.55
N GLY A 486 -11.20 4.79 -16.59
CA GLY A 486 -10.35 3.61 -16.75
C GLY A 486 -9.19 3.84 -17.71
N ASP A 487 -8.87 5.06 -17.97
CA ASP A 487 -7.95 5.37 -19.03
C ASP A 487 -7.28 6.65 -18.59
N PRO A 488 -5.96 6.64 -18.35
CA PRO A 488 -5.29 7.88 -17.92
C PRO A 488 -5.16 8.90 -19.02
N ASN A 489 -5.37 8.52 -20.28
CA ASN A 489 -5.30 9.50 -21.35
C ASN A 489 -6.49 10.45 -21.28
N GLU A 490 -6.29 11.64 -21.82
CA GLU A 490 -7.40 12.57 -22.05
C GLU A 490 -8.55 11.93 -22.84
N PRO A 491 -9.80 12.08 -22.38
CA PRO A 491 -10.93 11.38 -23.06
C PRO A 491 -11.23 11.90 -24.44
N ARG A 492 -10.94 13.15 -24.72
CA ARG A 492 -11.36 13.75 -26.00
C ARG A 492 -10.41 13.49 -27.10
N ASP A 493 -9.54 12.59 -26.83
CA ASP A 493 -8.45 12.36 -27.78
C ASP A 493 -8.84 11.22 -28.73
N PRO A 494 -9.02 11.48 -30.03
CA PRO A 494 -9.18 10.38 -30.99
C PRO A 494 -7.89 9.85 -31.61
N LYS A 495 -6.74 10.49 -31.36
CA LYS A 495 -5.45 9.95 -31.79
C LYS A 495 -5.17 8.63 -31.07
N ALA A 496 -4.12 7.92 -31.52
CA ALA A 496 -3.66 6.74 -30.81
C ALA A 496 -3.10 7.14 -29.43
N PRO A 497 -3.35 6.34 -28.38
CA PRO A 497 -3.09 6.80 -27.01
C PRO A 497 -1.64 7.24 -26.80
N GLN A 498 -1.47 8.36 -26.10
CA GLN A 498 -0.12 8.79 -25.73
C GLN A 498 0.47 7.86 -24.66
N TRP A 499 -0.38 7.34 -23.78
CA TRP A 499 -0.01 6.32 -22.81
C TRP A 499 -0.67 5.02 -23.22
N PRO A 500 0.06 4.08 -23.84
CA PRO A 500 -0.58 2.88 -24.41
C PRO A 500 -0.83 1.82 -23.35
N PRO A 501 -1.83 0.96 -23.56
CA PRO A 501 -2.03 -0.16 -22.62
C PRO A 501 -0.80 -1.04 -22.49
N TYR A 502 -0.65 -1.64 -21.30
CA TYR A 502 0.36 -2.66 -21.07
C TYR A 502 -0.23 -4.00 -21.48
N THR A 503 0.53 -4.77 -22.26
CA THR A 503 0.11 -6.10 -22.71
C THR A 503 1.20 -7.11 -22.41
N ALA A 504 0.79 -8.37 -22.21
CA ALA A 504 1.75 -9.41 -21.83
C ALA A 504 2.85 -9.56 -22.88
N GLY A 505 2.54 -9.32 -24.15
CA GLY A 505 3.56 -9.37 -25.15
C GLY A 505 4.39 -8.14 -25.35
N ALA A 506 3.80 -7.01 -25.66
CA ALA A 506 4.56 -5.79 -25.83
C ALA A 506 5.15 -5.15 -24.57
N GLN A 507 4.42 -5.26 -23.49
CA GLN A 507 4.82 -4.73 -22.21
C GLN A 507 5.21 -3.27 -22.21
N GLN A 508 4.39 -2.42 -22.80
CA GLN A 508 4.67 -0.99 -22.84
C GLN A 508 4.35 -0.33 -21.51
N TYR A 509 5.15 0.66 -21.13
CA TYR A 509 4.93 1.41 -19.90
C TYR A 509 5.52 2.77 -20.13
N VAL A 510 5.13 3.75 -19.29
CA VAL A 510 5.65 5.11 -19.45
C VAL A 510 6.48 5.50 -18.24
N SER A 511 7.46 6.39 -18.46
CA SER A 511 8.19 7.02 -17.39
C SER A 511 7.49 8.31 -16.94
N LEU A 512 7.29 8.44 -15.63
CA LEU A 512 6.71 9.64 -15.03
C LEU A 512 7.84 10.46 -14.46
N ASP A 513 8.09 11.62 -15.05
CA ASP A 513 9.20 12.47 -14.71
C ASP A 513 8.83 13.90 -15.11
N LEU A 514 9.72 14.86 -14.84
CA LEU A 514 9.49 16.23 -15.30
C LEU A 514 9.38 16.29 -16.82
N ARG A 515 10.03 15.40 -17.55
CA ARG A 515 9.94 15.36 -19.00
C ARG A 515 8.57 14.82 -19.42
N PRO A 516 8.15 15.07 -20.66
CA PRO A 516 6.91 14.45 -21.15
C PRO A 516 7.04 12.94 -21.15
N LEU A 517 5.89 12.27 -21.19
CA LEU A 517 5.82 10.82 -21.16
C LEU A 517 6.74 10.21 -22.21
N GLU A 518 7.43 9.14 -21.83
CA GLU A 518 8.19 8.31 -22.76
C GLU A 518 7.69 6.88 -22.67
N VAL A 519 7.42 6.25 -23.81
CA VAL A 519 7.02 4.84 -23.83
C VAL A 519 8.28 3.99 -23.85
N ARG A 520 8.32 2.97 -22.99
CA ARG A 520 9.39 1.98 -22.92
C ARG A 520 8.73 0.61 -22.89
N ARG A 521 9.54 -0.45 -22.92
CA ARG A 521 9.00 -1.81 -22.94
C ARG A 521 9.78 -2.72 -22.02
N GLY A 522 9.04 -3.55 -21.32
CA GLY A 522 9.60 -4.47 -20.40
C GLY A 522 9.94 -3.82 -19.08
N LEU A 523 9.18 -4.12 -18.06
CA LEU A 523 9.52 -3.68 -16.71
C LEU A 523 10.64 -4.56 -16.17
N ARG A 524 11.90 -4.17 -16.42
CA ARG A 524 13.07 -4.96 -16.03
C ARG A 524 12.90 -6.43 -16.43
N ALA A 525 12.70 -6.65 -17.74
CA ALA A 525 12.26 -7.96 -18.22
C ALA A 525 13.32 -9.04 -17.98
N GLN A 526 14.57 -8.66 -18.06
CA GLN A 526 15.62 -9.58 -17.78
C GLN A 526 15.60 -10.06 -16.32
N ALA A 527 15.51 -9.13 -15.37
CA ALA A 527 15.43 -9.53 -13.96
C ALA A 527 14.20 -10.38 -13.68
N CYS A 528 13.06 -10.06 -14.29
CA CYS A 528 11.86 -10.78 -13.93
C CYS A 528 11.75 -12.11 -14.65
N ALA A 529 12.46 -12.30 -15.76
CA ALA A 529 12.60 -13.66 -16.29
C ALA A 529 13.33 -14.56 -15.29
N PHE A 530 14.31 -14.01 -14.58
CA PHE A 530 15.02 -14.77 -13.56
C PHE A 530 14.08 -15.13 -12.40
N TRP A 531 13.46 -14.11 -11.79
CA TRP A 531 12.65 -14.37 -10.60
C TRP A 531 11.40 -15.16 -10.93
N ASN A 532 10.77 -14.93 -12.08
CA ASN A 532 9.46 -15.54 -12.29
C ASN A 532 9.51 -16.80 -13.12
N ARG A 533 10.63 -17.11 -13.76
CA ARG A 533 10.67 -18.30 -14.59
C ARG A 533 11.88 -19.20 -14.31
N LYS A 534 13.08 -18.62 -14.36
CA LYS A 534 14.30 -19.43 -14.28
C LYS A 534 14.61 -19.86 -12.85
N LEU A 535 14.66 -18.92 -11.90
CA LEU A 535 14.82 -19.31 -10.50
C LEU A 535 13.79 -20.34 -10.06
N PRO A 536 12.49 -20.20 -10.34
CA PRO A 536 11.57 -21.29 -9.96
C PRO A 536 11.92 -22.62 -10.62
N LYS A 537 12.32 -22.60 -11.89
CA LYS A 537 12.60 -23.85 -12.61
C LYS A 537 13.80 -24.57 -12.01
N LEU A 538 14.85 -23.83 -11.67
CA LEU A 538 16.06 -24.39 -11.06
C LEU A 538 15.74 -25.15 -9.77
N LEU A 539 14.93 -24.56 -8.89
CA LEU A 539 14.58 -25.19 -7.64
C LEU A 539 13.47 -26.24 -7.79
N SER A 540 13.05 -26.54 -9.03
CA SER A 540 11.94 -27.47 -9.33
C SER A 540 12.46 -28.83 -9.81
C1 NAG B . 28.67 3.47 6.47
C2 NAG B . 30.07 2.85 6.52
C3 NAG B . 30.01 1.40 6.97
C4 NAG B . 29.25 1.27 8.29
C5 NAG B . 27.87 1.95 8.16
C6 NAG B . 27.11 1.98 9.46
C7 NAG B . 31.72 3.84 4.99
C8 NAG B . 32.13 4.71 6.15
N2 NAG B . 30.74 2.96 5.24
O3 NAG B . 31.33 0.89 7.11
O4 NAG B . 29.08 -0.09 8.64
O5 NAG B . 28.03 3.31 7.74
O6 NAG B . 27.81 2.72 10.46
O7 NAG B . 32.25 3.92 3.89
C1 NAG B . 29.57 -0.34 9.99
C2 NAG B . 28.98 -1.67 10.48
C3 NAG B . 29.54 -2.03 11.87
C4 NAG B . 31.07 -1.96 11.88
C5 NAG B . 31.53 -0.60 11.36
C6 NAG B . 33.05 -0.48 11.27
C7 NAG B . 26.75 -2.21 9.61
C8 NAG B . 25.27 -2.02 9.78
N2 NAG B . 27.53 -1.61 10.51
O3 NAG B . 29.12 -3.34 12.22
O4 NAG B . 31.59 -2.18 13.19
O5 NAG B . 31.01 -0.40 10.04
O6 NAG B . 33.43 0.85 10.95
O7 NAG B . 27.21 -2.87 8.69
C1 FUC B . 26.93 3.67 11.05
C2 FUC B . 27.46 4.00 12.47
C3 FUC B . 28.72 4.92 12.41
C4 FUC B . 28.46 6.15 11.52
C5 FUC B . 27.99 5.68 10.13
C6 FUC B . 27.67 6.82 9.16
O2 FUC B . 27.72 2.82 13.24
O3 FUC B . 29.07 5.39 13.71
O4 FUC B . 27.47 7.01 12.12
O5 FUC B . 26.80 4.82 10.24
#